data_3L0L
#
_entry.id   3L0L
#
_cell.length_a   66.775
_cell.length_b   86.262
_cell.length_c   91.945
_cell.angle_alpha   90.00
_cell.angle_beta   90.00
_cell.angle_gamma   90.00
#
_symmetry.space_group_name_H-M   'P 21 21 21'
#
loop_
_entity.id
_entity.type
_entity.pdbx_description
1 polymer 'Nuclear receptor ROR-gamma'
2 polymer SCR2-2
3 non-polymer 25-HYDROXYCHOLESTEROL
4 water water
#
loop_
_entity_poly.entity_id
_entity_poly.type
_entity_poly.pdbx_seq_one_letter_code
_entity_poly.pdbx_strand_id
1 'polypeptide(L)'
;PEAPYASLTEIEHLVQSVCKSYRETCQLRLEDLLRQRSNIFSREEVTGYQRKSMWEMWERCAHHLTEAIQYVVEFAKRLS
GFMELCQNDQIVLLKAGAMEVVLVRMCRAYNADNRTVFFEGKYGGMELFRALGCSELISSIFDFSHSLSALHFSEDEIAL
YTALVLINAHRPGLQEKRKVEQLQYNLELAFHHHLCKTHRQSILAKLPPKGKLRSLCSQHVERLQIFQHLHPIVVQAAFP
PLYKELFS
;
A,B
2 'polypeptide(L)' EKHKILHRLLQDS C,E
#
# COMPACT_ATOMS: atom_id res chain seq x y z
N GLU A 2 -34.63 9.80 -8.88
CA GLU A 2 -34.49 10.16 -10.34
C GLU A 2 -35.75 9.89 -11.08
N ALA A 3 -36.88 10.19 -10.45
CA ALA A 3 -38.17 10.01 -11.08
C ALA A 3 -39.14 9.77 -9.99
N PRO A 4 -40.17 10.61 -9.95
CA PRO A 4 -41.26 10.48 -9.00
C PRO A 4 -42.17 9.43 -9.59
N TYR A 5 -42.80 8.67 -8.72
CA TYR A 5 -43.71 7.63 -9.17
C TYR A 5 -43.08 6.64 -10.16
N ALA A 6 -41.89 6.13 -9.82
CA ALA A 6 -41.29 5.08 -10.64
C ALA A 6 -42.28 3.93 -10.85
N SER A 7 -42.44 3.51 -12.10
CA SER A 7 -43.27 2.35 -12.45
C SER A 7 -42.60 1.05 -12.02
N LEU A 8 -43.38 -0.03 -11.98
CA LEU A 8 -42.80 -1.38 -11.78
C LEU A 8 -41.68 -1.71 -12.75
N THR A 9 -41.87 -1.36 -14.01
CA THR A 9 -40.82 -1.53 -15.02
C THR A 9 -39.55 -0.74 -14.68
N GLU A 10 -39.71 0.53 -14.26
CA GLU A 10 -38.56 1.34 -13.89
C GLU A 10 -37.86 0.75 -12.67
N ILE A 11 -38.66 0.28 -11.72
CA ILE A 11 -38.00 -0.33 -10.56
C ILE A 11 -37.28 -1.65 -10.89
N GLU A 12 -37.86 -2.49 -11.76
CA GLU A 12 -37.17 -3.69 -12.24
C GLU A 12 -35.87 -3.32 -12.97
N HIS A 13 -35.91 -2.29 -13.82
CA HIS A 13 -34.68 -1.81 -14.48
C HIS A 13 -33.65 -1.34 -13.47
N LEU A 14 -34.13 -0.69 -12.42
CA LEU A 14 -33.21 -0.18 -11.41
C LEU A 14 -32.50 -1.32 -10.64
N VAL A 15 -33.23 -2.39 -10.31
CA VAL A 15 -32.61 -3.60 -9.70
C VAL A 15 -31.46 -4.07 -10.61
N GLN A 16 -31.73 -4.21 -11.91
CA GLN A 16 -30.73 -4.70 -12.88
C GLN A 16 -29.51 -3.79 -12.92
N SER A 17 -29.77 -2.49 -12.93
CA SER A 17 -28.73 -1.44 -13.09
C SER A 17 -27.79 -1.45 -11.90
N VAL A 18 -28.39 -1.43 -10.69
CA VAL A 18 -27.63 -1.49 -9.45
C VAL A 18 -26.80 -2.79 -9.34
N CYS A 19 -27.39 -3.93 -9.71
CA CYS A 19 -26.61 -5.17 -9.66
C CYS A 19 -25.38 -5.15 -10.63
N LYS A 20 -25.61 -4.66 -11.83
CA LYS A 20 -24.53 -4.43 -12.83
C LYS A 20 -23.42 -3.49 -12.34
N SER A 21 -23.80 -2.39 -11.70
CA SER A 21 -22.82 -1.44 -11.17
C SER A 21 -21.94 -2.11 -10.13
N TYR A 22 -22.58 -2.93 -9.28
CA TYR A 22 -21.83 -3.68 -8.27
C TYR A 22 -20.92 -4.70 -8.90
N ARG A 23 -21.49 -5.48 -9.81
CA ARG A 23 -20.71 -6.45 -10.58
C ARG A 23 -19.43 -5.89 -11.17
N GLU A 24 -19.47 -4.65 -11.66
CA GLU A 24 -18.35 -3.99 -12.35
C GLU A 24 -17.34 -3.36 -11.37
N THR A 25 -17.72 -3.28 -10.10
CA THR A 25 -16.90 -2.58 -9.12
C THR A 25 -16.70 -3.36 -7.82
N CYS A 26 -17.02 -4.66 -7.77
CA CYS A 26 -16.96 -5.43 -6.51
C CYS A 26 -15.54 -5.76 -5.98
N GLN A 27 -14.52 -5.45 -6.79
CA GLN A 27 -13.10 -5.47 -6.37
C GLN A 27 -12.51 -6.87 -6.24
N LEU A 28 -13.08 -7.67 -5.34
CA LEU A 28 -12.66 -9.05 -5.12
C LEU A 28 -13.74 -9.97 -5.71
N ARG A 29 -13.31 -11.00 -6.44
CA ARG A 29 -14.25 -11.94 -7.04
C ARG A 29 -14.70 -12.88 -5.95
N LEU A 30 -15.99 -13.07 -5.79
CA LEU A 30 -16.47 -13.94 -4.71
C LEU A 30 -15.91 -15.36 -4.78
N GLU A 31 -15.89 -15.97 -5.95
CA GLU A 31 -15.42 -17.36 -6.06
C GLU A 31 -13.95 -17.48 -5.66
N ASP A 32 -13.14 -16.46 -5.97
CA ASP A 32 -11.72 -16.41 -5.53
C ASP A 32 -11.66 -16.42 -4.00
N LEU A 33 -12.49 -15.58 -3.37
CA LEU A 33 -12.44 -15.42 -1.92
C LEU A 33 -12.81 -16.71 -1.20
N LEU A 34 -13.90 -17.30 -1.65
CA LEU A 34 -14.41 -18.55 -1.06
C LEU A 34 -13.46 -19.74 -1.24
N ARG A 35 -12.84 -19.83 -2.40
CA ARG A 35 -11.96 -20.98 -2.67
C ARG A 35 -10.63 -20.90 -1.93
N GLN A 36 -10.38 -19.75 -1.31
CA GLN A 36 -9.15 -19.55 -0.57
C GLN A 36 -9.36 -19.58 0.92
N ARG A 37 -10.56 -19.97 1.36
CA ARG A 37 -10.86 -20.07 2.81
C ARG A 37 -9.88 -20.98 3.62
N SER A 38 -9.39 -22.06 3.02
CA SER A 38 -8.46 -22.96 3.72
C SER A 38 -7.04 -22.42 3.83
N ASN A 39 -6.76 -21.33 3.10
CA ASN A 39 -5.45 -20.70 3.12
C ASN A 39 -5.40 -19.65 4.21
N ILE A 40 -4.78 -20.04 5.30
CA ILE A 40 -4.79 -19.29 6.55
C ILE A 40 -3.35 -19.03 6.96
N PHE A 41 -3.10 -17.82 7.46
CA PHE A 41 -1.79 -17.45 7.98
C PHE A 41 -1.36 -18.42 9.10
N SER A 42 -0.13 -18.91 8.98
CA SER A 42 0.43 -19.82 9.97
C SER A 42 0.74 -19.05 11.25
N ARG A 43 0.99 -19.79 12.31
CA ARG A 43 1.37 -19.19 13.57
C ARG A 43 2.56 -18.26 13.39
N GLU A 44 3.53 -18.69 12.56
CA GLU A 44 4.72 -17.90 12.30
C GLU A 44 4.39 -16.58 11.62
N GLU A 45 3.51 -16.64 10.62
CA GLU A 45 3.09 -15.46 9.84
C GLU A 45 2.34 -14.45 10.74
N VAL A 46 1.45 -14.96 11.57
CA VAL A 46 0.73 -14.12 12.56
C VAL A 46 1.72 -13.40 13.52
N THR A 47 2.66 -14.16 14.05
CA THR A 47 3.76 -13.59 14.82
C THR A 47 4.47 -12.48 14.06
N GLY A 48 4.83 -12.72 12.79
CA GLY A 48 5.40 -11.71 11.89
C GLY A 48 4.62 -10.40 11.91
N TYR A 49 3.30 -10.51 11.72
CA TYR A 49 2.45 -9.33 11.71
C TYR A 49 2.43 -8.61 13.04
N GLN A 50 2.32 -9.37 14.13
CA GLN A 50 2.26 -8.78 15.46
C GLN A 50 3.55 -8.08 15.85
N ARG A 51 4.67 -8.55 15.29
CA ARG A 51 5.98 -7.94 15.54
C ARG A 51 6.25 -6.70 14.69
N LYS A 52 5.38 -6.46 13.69
CA LYS A 52 5.49 -5.27 12.88
C LYS A 52 5.34 -4.02 13.72
N SER A 53 6.05 -2.99 13.29
CA SER A 53 5.90 -1.65 13.85
C SER A 53 4.45 -1.13 13.73
N MET A 54 4.03 -0.32 14.72
CA MET A 54 2.71 0.36 14.63
C MET A 54 2.59 1.14 13.33
N TRP A 55 3.61 1.95 12.99
CA TRP A 55 3.53 2.80 11.78
C TRP A 55 3.42 1.95 10.51
N GLU A 56 4.18 0.87 10.44
CA GLU A 56 4.14 0.02 9.23
C GLU A 56 2.79 -0.65 9.05
N MET A 57 2.24 -1.15 10.15
CA MET A 57 0.93 -1.78 10.07
C MET A 57 -0.15 -0.76 9.69
N TRP A 58 -0.07 0.43 10.29
CA TRP A 58 -1.02 1.50 9.96
C TRP A 58 -0.92 1.90 8.48
N GLU A 59 0.30 2.05 7.99
CA GLU A 59 0.42 2.45 6.59
C GLU A 59 -0.09 1.37 5.60
N ARG A 60 0.16 0.11 5.91
CA ARG A 60 -0.38 -1.02 5.10
C ARG A 60 -1.91 -1.02 5.07
N CYS A 61 -2.49 -0.97 6.26
CA CYS A 61 -3.95 -0.97 6.36
C CYS A 61 -4.58 0.26 5.71
N ALA A 62 -3.93 1.44 5.81
CA ALA A 62 -4.41 2.66 5.13
C ALA A 62 -4.39 2.48 3.62
N HIS A 63 -3.28 1.96 3.09
CA HIS A 63 -3.18 1.61 1.66
C HIS A 63 -4.34 0.71 1.20
N HIS A 64 -4.54 -0.41 1.88
CA HIS A 64 -5.54 -1.41 1.46
C HIS A 64 -6.94 -0.83 1.59
N LEU A 65 -7.18 -0.11 2.67
CA LEU A 65 -8.49 0.56 2.77
C LEU A 65 -8.72 1.55 1.66
N THR A 66 -7.67 2.29 1.29
CA THR A 66 -7.79 3.29 0.25
C THR A 66 -8.13 2.63 -1.08
N GLU A 67 -7.46 1.51 -1.36
CA GLU A 67 -7.77 0.75 -2.59
C GLU A 67 -9.26 0.32 -2.58
N ALA A 68 -9.75 -0.15 -1.43
CA ALA A 68 -11.16 -0.57 -1.31
C ALA A 68 -12.10 0.60 -1.56
N ILE A 69 -11.74 1.73 -0.97
CA ILE A 69 -12.49 2.98 -1.10
C ILE A 69 -12.55 3.45 -2.56
N GLN A 70 -11.46 3.34 -3.29
CA GLN A 70 -11.49 3.69 -4.73
C GLN A 70 -12.54 2.89 -5.52
N TYR A 71 -12.75 1.64 -5.14
CA TYR A 71 -13.76 0.83 -5.84
C TYR A 71 -15.14 1.30 -5.46
N VAL A 72 -15.31 1.72 -4.20
CA VAL A 72 -16.61 2.25 -3.76
C VAL A 72 -16.92 3.57 -4.51
N VAL A 73 -15.89 4.40 -4.68
CA VAL A 73 -16.08 5.64 -5.46
C VAL A 73 -16.55 5.31 -6.88
N GLU A 74 -15.96 4.26 -7.47
CA GLU A 74 -16.33 3.86 -8.85
C GLU A 74 -17.77 3.36 -8.90
N PHE A 75 -18.14 2.56 -7.90
CA PHE A 75 -19.52 2.11 -7.66
C PHE A 75 -20.46 3.30 -7.62
N ALA A 76 -20.11 4.31 -6.82
CA ALA A 76 -20.95 5.53 -6.69
C ALA A 76 -21.11 6.20 -8.07
N LYS A 77 -20.00 6.35 -8.78
CA LYS A 77 -20.02 7.02 -10.09
C LYS A 77 -20.95 6.32 -11.10
N ARG A 78 -21.02 4.98 -11.05
CA ARG A 78 -21.86 4.14 -11.94
C ARG A 78 -23.28 3.93 -11.43
N LEU A 79 -23.52 4.39 -10.21
CA LEU A 79 -24.80 4.19 -9.57
C LEU A 79 -25.87 5.16 -10.06
N SER A 80 -26.96 4.58 -10.57
CA SER A 80 -28.03 5.35 -11.19
C SER A 80 -28.49 6.48 -10.27
N GLY A 81 -28.46 7.71 -10.79
CA GLY A 81 -28.85 8.91 -10.03
C GLY A 81 -27.74 9.70 -9.33
N PHE A 82 -26.63 9.04 -9.05
CA PHE A 82 -25.64 9.67 -8.13
C PHE A 82 -24.93 10.86 -8.76
N MET A 83 -24.47 10.67 -9.99
CA MET A 83 -23.74 11.74 -10.67
C MET A 83 -24.64 12.92 -11.01
N GLU A 84 -25.96 12.71 -10.94
CA GLU A 84 -26.95 13.78 -11.19
C GLU A 84 -27.09 14.67 -9.97
N LEU A 85 -26.71 14.16 -8.80
CA LEU A 85 -26.76 14.96 -7.58
C LEU A 85 -25.79 16.14 -7.69
N CYS A 86 -26.06 17.22 -6.95
CA CYS A 86 -25.11 18.34 -6.94
C CYS A 86 -23.77 17.90 -6.37
N GLN A 87 -22.72 18.63 -6.76
CA GLN A 87 -21.34 18.24 -6.39
C GLN A 87 -21.14 18.15 -4.88
N ASN A 88 -21.70 19.10 -4.13
CA ASN A 88 -21.65 19.07 -2.67
C ASN A 88 -22.20 17.78 -2.07
N ASP A 89 -23.39 17.39 -2.53
CA ASP A 89 -24.06 16.21 -1.98
C ASP A 89 -23.33 14.91 -2.34
N GLN A 90 -22.74 14.87 -3.54
CA GLN A 90 -21.88 13.74 -3.94
C GLN A 90 -20.78 13.52 -2.87
N ILE A 91 -20.12 14.61 -2.47
CA ILE A 91 -19.02 14.57 -1.51
C ILE A 91 -19.52 14.21 -0.11
N VAL A 92 -20.62 14.84 0.31
CA VAL A 92 -21.21 14.53 1.61
C VAL A 92 -21.53 13.02 1.72
N LEU A 93 -22.16 12.45 0.69
CA LEU A 93 -22.53 11.04 0.70
C LEU A 93 -21.31 10.15 0.73
N LEU A 94 -20.27 10.48 -0.06
CA LEU A 94 -19.09 9.61 -0.09
C LEU A 94 -18.26 9.74 1.15
N LYS A 95 -18.06 10.98 1.65
CA LYS A 95 -17.31 11.17 2.89
C LYS A 95 -17.92 10.39 4.04
N ALA A 96 -19.25 10.40 4.15
CA ALA A 96 -19.98 9.72 5.19
C ALA A 96 -20.05 8.20 4.93
N GLY A 97 -20.28 7.84 3.67
CA GLY A 97 -20.63 6.45 3.32
C GLY A 97 -19.57 5.51 2.80
N ALA A 98 -18.45 6.05 2.29
CA ALA A 98 -17.44 5.19 1.65
C ALA A 98 -16.95 4.08 2.58
N MET A 99 -16.53 4.46 3.78
CA MET A 99 -16.01 3.50 4.74
C MET A 99 -17.13 2.54 5.19
N GLU A 100 -18.36 3.06 5.27
CA GLU A 100 -19.51 2.22 5.64
C GLU A 100 -19.67 1.08 4.63
N VAL A 101 -19.57 1.45 3.34
CA VAL A 101 -19.70 0.45 2.26
C VAL A 101 -18.58 -0.58 2.38
N VAL A 102 -17.37 -0.13 2.66
CA VAL A 102 -16.23 -1.06 2.81
C VAL A 102 -16.50 -2.08 3.95
N LEU A 103 -17.04 -1.60 5.06
CA LEU A 103 -17.36 -2.45 6.23
C LEU A 103 -18.41 -3.49 5.85
N VAL A 104 -19.38 -3.11 5.03
CA VAL A 104 -20.39 -4.05 4.53
C VAL A 104 -19.75 -5.06 3.54
N ARG A 105 -18.95 -4.55 2.59
CA ARG A 105 -18.27 -5.41 1.59
C ARG A 105 -17.37 -6.43 2.28
N MET A 106 -16.88 -6.09 3.49
CA MET A 106 -16.01 -7.02 4.24
C MET A 106 -16.63 -8.35 4.53
N CYS A 107 -17.96 -8.41 4.67
CA CYS A 107 -18.57 -9.74 4.95
C CYS A 107 -18.24 -10.81 3.88
N ARG A 108 -18.06 -10.40 2.62
CA ARG A 108 -17.66 -11.33 1.55
C ARG A 108 -16.29 -11.96 1.79
N ALA A 109 -15.45 -11.21 2.48
CA ALA A 109 -14.05 -11.57 2.70
C ALA A 109 -13.86 -12.11 4.12
N TYR A 110 -14.99 -12.42 4.78
CA TYR A 110 -15.00 -12.86 6.18
C TYR A 110 -15.53 -14.29 6.28
N ASN A 111 -14.77 -15.15 6.95
CA ASN A 111 -15.15 -16.56 7.24
C ASN A 111 -15.68 -16.69 8.66
N ALA A 112 -17.00 -16.84 8.80
CA ALA A 112 -17.63 -16.89 10.11
C ALA A 112 -17.23 -18.16 10.90
N ASP A 113 -16.86 -19.20 10.15
CA ASP A 113 -16.47 -20.51 10.71
C ASP A 113 -15.28 -20.42 11.64
N ASN A 114 -14.28 -19.63 11.24
CA ASN A 114 -13.07 -19.48 12.05
C ASN A 114 -12.72 -18.02 12.40
N ARG A 115 -13.65 -17.11 12.10
CA ARG A 115 -13.52 -15.68 12.38
C ARG A 115 -12.27 -15.04 11.74
N THR A 116 -12.07 -15.31 10.45
CA THR A 116 -10.92 -14.75 9.73
C THR A 116 -11.39 -13.83 8.58
N VAL A 117 -10.48 -12.94 8.14
CA VAL A 117 -10.74 -12.03 7.04
C VAL A 117 -9.59 -12.19 6.06
N PHE A 118 -9.90 -12.04 4.78
CA PHE A 118 -8.89 -12.11 3.71
C PHE A 118 -8.03 -10.84 3.73
N PHE A 119 -6.73 -10.99 4.00
CA PHE A 119 -5.86 -9.83 4.05
C PHE A 119 -4.48 -10.23 3.56
N GLU A 120 -3.98 -9.47 2.59
CA GLU A 120 -2.64 -9.71 1.99
C GLU A 120 -2.42 -11.17 1.62
N GLY A 121 -3.43 -11.76 0.99
CA GLY A 121 -3.28 -13.05 0.33
C GLY A 121 -3.68 -14.28 1.10
N LYS A 122 -4.00 -14.15 2.38
CA LYS A 122 -4.45 -15.29 3.19
C LYS A 122 -5.52 -14.81 4.19
N TYR A 123 -6.22 -15.77 4.81
CA TYR A 123 -7.16 -15.46 5.89
C TYR A 123 -6.46 -15.39 7.24
N GLY A 124 -6.73 -14.31 7.99
CA GLY A 124 -6.18 -14.12 9.34
C GLY A 124 -7.24 -13.67 10.35
N GLY A 125 -7.04 -13.98 11.63
CA GLY A 125 -7.93 -13.50 12.69
C GLY A 125 -7.66 -12.05 13.07
N MET A 126 -8.49 -11.52 13.97
CA MET A 126 -8.28 -10.15 14.44
C MET A 126 -6.91 -9.95 15.09
N GLU A 127 -6.37 -10.99 15.72
CA GLU A 127 -5.03 -10.92 16.34
C GLU A 127 -3.93 -10.52 15.34
N LEU A 128 -4.17 -10.75 14.05
CA LEU A 128 -3.21 -10.34 13.02
C LEU A 128 -2.93 -8.84 13.09
N PHE A 129 -3.88 -8.10 13.65
CA PHE A 129 -3.86 -6.64 13.57
C PHE A 129 -3.41 -6.00 14.88
N ARG A 130 -2.83 -6.82 15.76
CA ARG A 130 -2.42 -6.33 17.09
C ARG A 130 -1.58 -5.05 17.08
N ALA A 131 -0.66 -4.97 16.12
CA ALA A 131 0.28 -3.83 16.05
C ALA A 131 -0.39 -2.48 15.85
N LEU A 132 -1.61 -2.47 15.33
CA LEU A 132 -2.35 -1.21 15.20
C LEU A 132 -2.61 -0.51 16.53
N GLY A 133 -2.71 -1.29 17.61
CA GLY A 133 -3.01 -0.77 18.94
C GLY A 133 -4.43 -0.30 19.12
N CYS A 134 -5.38 -0.93 18.44
CA CYS A 134 -6.80 -0.63 18.66
C CYS A 134 -7.60 -1.93 18.64
N SER A 135 -7.22 -2.86 19.51
CA SER A 135 -7.81 -4.20 19.50
C SER A 135 -9.31 -4.21 19.71
N GLU A 136 -9.80 -3.29 20.53
CA GLU A 136 -11.21 -3.33 20.82
C GLU A 136 -12.00 -2.91 19.56
N LEU A 137 -11.54 -1.87 18.87
CA LEU A 137 -12.15 -1.49 17.59
C LEU A 137 -12.10 -2.64 16.58
N ILE A 138 -10.95 -3.27 16.44
CA ILE A 138 -10.84 -4.42 15.52
C ILE A 138 -11.85 -5.51 15.86
N SER A 139 -11.92 -5.85 17.16
CA SER A 139 -12.89 -6.81 17.63
C SER A 139 -14.34 -6.42 17.25
N SER A 140 -14.67 -5.14 17.45
CA SER A 140 -15.99 -4.60 17.08
C SER A 140 -16.25 -4.76 15.57
N ILE A 141 -15.21 -4.50 14.76
CA ILE A 141 -15.36 -4.67 13.31
C ILE A 141 -15.60 -6.14 12.95
N PHE A 142 -14.82 -7.05 13.53
CA PHE A 142 -15.08 -8.48 13.27
C PHE A 142 -16.45 -8.95 13.77
N ASP A 143 -16.88 -8.42 14.90
CA ASP A 143 -18.23 -8.69 15.40
C ASP A 143 -19.29 -8.25 14.39
N PHE A 144 -19.09 -7.07 13.81
CA PHE A 144 -20.01 -6.52 12.85
C PHE A 144 -20.06 -7.41 11.64
N SER A 145 -18.89 -7.81 11.12
CA SER A 145 -18.83 -8.75 10.02
C SER A 145 -19.55 -10.07 10.33
N HIS A 146 -19.41 -10.52 11.56
CA HIS A 146 -20.07 -11.76 11.97
C HIS A 146 -21.60 -11.59 11.99
N SER A 147 -22.07 -10.43 12.42
CA SER A 147 -23.53 -10.19 12.43
C SER A 147 -24.07 -10.20 11.00
N LEU A 148 -23.28 -9.66 10.07
CA LEU A 148 -23.69 -9.67 8.65
C LEU A 148 -23.66 -11.08 8.06
N SER A 149 -22.73 -11.92 8.54
CA SER A 149 -22.53 -13.27 7.95
C SER A 149 -23.80 -14.10 8.14
N ALA A 150 -24.55 -13.78 9.21
CA ALA A 150 -25.79 -14.49 9.57
C ALA A 150 -26.92 -14.24 8.57
N LEU A 151 -26.83 -13.16 7.82
CA LEU A 151 -27.82 -12.86 6.76
C LEU A 151 -27.53 -13.65 5.49
N HIS A 152 -26.26 -14.01 5.29
CA HIS A 152 -25.79 -14.74 4.11
C HIS A 152 -26.24 -14.03 2.83
N PHE A 153 -25.91 -12.75 2.72
CA PHE A 153 -26.30 -11.97 1.54
C PHE A 153 -25.92 -12.69 0.25
N SER A 154 -26.82 -12.64 -0.73
CA SER A 154 -26.39 -12.85 -2.11
C SER A 154 -25.61 -11.65 -2.65
N GLU A 155 -24.97 -11.86 -3.79
CA GLU A 155 -24.26 -10.72 -4.44
C GLU A 155 -25.26 -9.58 -4.83
N ASP A 156 -26.43 -9.96 -5.33
CA ASP A 156 -27.46 -8.97 -5.67
C ASP A 156 -27.96 -8.21 -4.43
N GLU A 157 -28.12 -8.93 -3.33
CA GLU A 157 -28.48 -8.27 -2.05
C GLU A 157 -27.41 -7.28 -1.56
N ILE A 158 -26.13 -7.66 -1.67
CA ILE A 158 -25.03 -6.78 -1.28
C ILE A 158 -25.07 -5.54 -2.13
N ALA A 159 -25.28 -5.74 -3.43
CA ALA A 159 -25.40 -4.62 -4.37
C ALA A 159 -26.47 -3.62 -3.93
N LEU A 160 -27.66 -4.11 -3.66
CA LEU A 160 -28.81 -3.26 -3.40
C LEU A 160 -28.70 -2.63 -2.01
N TYR A 161 -28.20 -3.40 -1.04
CA TYR A 161 -28.01 -2.85 0.28
C TYR A 161 -26.89 -1.80 0.34
N THR A 162 -25.75 -2.07 -0.27
CA THR A 162 -24.66 -1.03 -0.28
C THR A 162 -25.08 0.22 -1.03
N ALA A 163 -25.92 0.09 -2.05
CA ALA A 163 -26.46 1.30 -2.71
C ALA A 163 -27.17 2.19 -1.69
N LEU A 164 -27.91 1.58 -0.79
CA LEU A 164 -28.69 2.31 0.21
C LEU A 164 -27.80 2.83 1.32
N VAL A 165 -26.73 2.09 1.64
CA VAL A 165 -25.75 2.57 2.62
C VAL A 165 -25.16 3.89 2.11
N LEU A 166 -24.90 3.98 0.81
CA LEU A 166 -24.32 5.20 0.20
C LEU A 166 -25.38 6.32 0.05
N ILE A 167 -26.54 5.96 -0.51
CA ILE A 167 -27.61 6.96 -0.76
C ILE A 167 -28.54 7.02 0.46
N ASN A 168 -28.05 7.73 1.48
CA ASN A 168 -28.69 7.89 2.76
C ASN A 168 -29.05 9.38 2.84
N ALA A 169 -30.36 9.64 2.75
CA ALA A 169 -30.88 11.02 2.78
C ALA A 169 -30.75 11.70 4.17
N HIS A 170 -30.29 10.95 5.18
CA HIS A 170 -30.17 11.51 6.52
C HIS A 170 -28.83 12.13 6.82
N ARG A 171 -27.89 12.14 5.85
CA ARG A 171 -26.54 12.63 6.17
C ARG A 171 -26.63 14.13 6.40
N PRO A 172 -26.09 14.62 7.53
CA PRO A 172 -26.10 16.10 7.74
C PRO A 172 -25.25 16.77 6.67
N GLY A 173 -25.69 17.93 6.22
CA GLY A 173 -24.93 18.72 5.26
C GLY A 173 -25.32 18.64 3.81
N LEU A 174 -26.32 17.79 3.51
CA LEU A 174 -26.85 17.74 2.17
C LEU A 174 -27.53 19.06 1.90
N GLN A 175 -27.32 19.58 0.69
CA GLN A 175 -27.97 20.82 0.24
C GLN A 175 -29.25 20.60 -0.56
N GLU A 176 -29.40 19.41 -1.15
CA GLU A 176 -30.64 19.10 -1.87
C GLU A 176 -31.19 17.78 -1.36
N LYS A 177 -31.52 17.79 -0.07
CA LYS A 177 -32.04 16.63 0.65
C LYS A 177 -33.16 15.92 -0.14
N ARG A 178 -34.10 16.73 -0.68
CA ARG A 178 -35.25 16.11 -1.38
C ARG A 178 -34.86 15.21 -2.56
N LYS A 179 -33.85 15.61 -3.32
CA LYS A 179 -33.39 14.79 -4.41
C LYS A 179 -32.82 13.47 -3.88
N VAL A 180 -32.07 13.54 -2.77
CA VAL A 180 -31.48 12.32 -2.20
C VAL A 180 -32.60 11.44 -1.64
N GLU A 181 -33.62 12.05 -1.03
CA GLU A 181 -34.75 11.28 -0.48
C GLU A 181 -35.43 10.49 -1.62
N GLN A 182 -35.63 11.14 -2.76
CA GLN A 182 -36.24 10.46 -3.93
C GLN A 182 -35.37 9.32 -4.48
N LEU A 183 -34.06 9.56 -4.57
CA LEU A 183 -33.15 8.50 -5.04
C LEU A 183 -33.19 7.33 -4.05
N GLN A 184 -33.10 7.66 -2.76
CA GLN A 184 -33.14 6.67 -1.67
C GLN A 184 -34.42 5.87 -1.77
N TYR A 185 -35.55 6.55 -1.94
CA TYR A 185 -36.85 5.84 -1.94
C TYR A 185 -36.91 4.83 -3.08
N ASN A 186 -36.48 5.23 -4.26
CA ASN A 186 -36.52 4.37 -5.43
C ASN A 186 -35.55 3.18 -5.26
N LEU A 187 -34.36 3.44 -4.72
CA LEU A 187 -33.46 2.33 -4.36
C LEU A 187 -34.09 1.36 -3.35
N GLU A 188 -34.83 1.89 -2.38
CA GLU A 188 -35.60 1.07 -1.43
C GLU A 188 -36.64 0.22 -2.14
N LEU A 189 -37.38 0.84 -3.05
CA LEU A 189 -38.31 0.07 -3.87
C LEU A 189 -37.65 -1.09 -4.63
N ALA A 190 -36.52 -0.81 -5.27
CA ALA A 190 -35.68 -1.82 -5.97
C ALA A 190 -35.27 -2.97 -5.01
N PHE A 191 -34.74 -2.61 -3.84
CA PHE A 191 -34.24 -3.59 -2.85
C PHE A 191 -35.42 -4.44 -2.35
N HIS A 192 -36.52 -3.75 -2.04
CA HIS A 192 -37.72 -4.42 -1.51
C HIS A 192 -38.34 -5.35 -2.54
N HIS A 193 -38.39 -4.89 -3.80
CA HIS A 193 -38.91 -5.69 -4.93
C HIS A 193 -38.10 -6.99 -5.04
N HIS A 194 -36.78 -6.85 -5.05
CA HIS A 194 -35.91 -8.00 -5.20
C HIS A 194 -36.09 -9.01 -4.07
N LEU A 195 -36.19 -8.47 -2.87
CA LEU A 195 -36.35 -9.31 -1.70
C LEU A 195 -37.73 -9.98 -1.74
N CYS A 196 -38.75 -9.24 -2.14
CA CYS A 196 -40.09 -9.80 -2.18
C CYS A 196 -40.15 -11.00 -3.16
N LYS A 197 -39.58 -10.83 -4.36
CA LYS A 197 -39.55 -11.90 -5.39
C LYS A 197 -38.79 -13.14 -4.98
N THR A 198 -37.80 -12.94 -4.11
CA THR A 198 -36.90 -14.01 -3.66
C THR A 198 -37.26 -14.50 -2.26
N HIS A 199 -38.36 -13.99 -1.72
CA HIS A 199 -38.84 -14.37 -0.40
C HIS A 199 -37.79 -14.15 0.70
N ARG A 200 -37.15 -12.98 0.63
CA ARG A 200 -36.06 -12.65 1.54
C ARG A 200 -36.34 -11.35 2.29
N GLN A 201 -37.59 -10.92 2.37
CA GLN A 201 -37.88 -9.71 3.17
C GLN A 201 -37.62 -9.88 4.69
N SER A 202 -37.50 -11.13 5.16
CA SER A 202 -37.13 -11.37 6.57
C SER A 202 -35.75 -10.82 6.93
N ILE A 203 -34.89 -10.61 5.94
CA ILE A 203 -33.60 -9.99 6.25
C ILE A 203 -33.72 -8.54 6.74
N LEU A 204 -34.77 -7.85 6.32
CA LEU A 204 -34.87 -6.44 6.61
C LEU A 204 -34.75 -6.16 8.12
N ALA A 205 -35.45 -6.96 8.92
CA ALA A 205 -35.44 -6.80 10.37
C ALA A 205 -34.09 -7.10 11.02
N LYS A 206 -33.25 -7.83 10.29
CA LYS A 206 -31.95 -8.28 10.74
C LYS A 206 -30.81 -7.35 10.34
N LEU A 207 -31.07 -6.35 9.50
CA LEU A 207 -30.00 -5.46 9.02
C LEU A 207 -29.39 -4.68 10.19
N PRO A 208 -28.15 -4.18 10.01
CA PRO A 208 -27.48 -3.50 11.11
C PRO A 208 -28.34 -2.36 11.63
N PRO A 209 -28.39 -2.22 12.95
CA PRO A 209 -29.17 -1.17 13.64
C PRO A 209 -28.76 0.21 13.16
N LYS A 210 -29.69 1.17 13.21
CA LYS A 210 -29.38 2.55 12.84
C LYS A 210 -28.23 3.07 13.71
N GLY A 211 -27.25 3.70 13.07
CA GLY A 211 -26.11 4.27 13.80
C GLY A 211 -24.90 3.37 14.00
N LYS A 212 -25.06 2.07 13.73
CA LYS A 212 -23.98 1.08 13.95
C LYS A 212 -22.77 1.36 13.03
N LEU A 213 -23.04 1.46 11.73
CA LEU A 213 -21.97 1.74 10.77
C LEU A 213 -21.30 3.06 11.08
N ARG A 214 -22.13 4.05 11.42
CA ARG A 214 -21.62 5.38 11.81
C ARG A 214 -20.70 5.30 13.03
N SER A 215 -21.08 4.51 14.01
CA SER A 215 -20.24 4.27 15.17
C SER A 215 -18.86 3.67 14.83
N LEU A 216 -18.86 2.60 14.03
CA LEU A 216 -17.60 1.99 13.60
C LEU A 216 -16.74 2.99 12.86
N CYS A 217 -17.35 3.79 11.97
CA CYS A 217 -16.56 4.80 11.23
C CYS A 217 -16.03 5.93 12.08
N SER A 218 -16.84 6.40 13.04
CA SER A 218 -16.42 7.42 13.97
C SER A 218 -15.25 6.93 14.85
N GLN A 219 -15.27 5.66 15.24
CA GLN A 219 -14.15 5.08 16.01
C GLN A 219 -12.88 4.98 15.16
N HIS A 220 -13.05 4.65 13.88
CA HIS A 220 -11.92 4.57 12.96
C HIS A 220 -11.22 5.93 12.93
N VAL A 221 -12.00 7.00 12.77
CA VAL A 221 -11.46 8.36 12.72
C VAL A 221 -10.74 8.73 14.03
N GLU A 222 -11.33 8.34 15.15
CA GLU A 222 -10.72 8.62 16.44
C GLU A 222 -9.38 7.94 16.57
N ARG A 223 -9.33 6.64 16.24
CA ARG A 223 -8.07 5.88 16.28
C ARG A 223 -7.04 6.48 15.32
N LEU A 224 -7.49 6.99 14.16
CA LEU A 224 -6.59 7.60 13.19
C LEU A 224 -5.96 8.86 13.77
N GLN A 225 -6.79 9.66 14.41
CA GLN A 225 -6.33 10.88 15.11
C GLN A 225 -5.30 10.59 16.23
N ILE A 226 -5.49 9.50 16.98
CA ILE A 226 -4.59 9.06 18.03
C ILE A 226 -3.26 8.64 17.39
N PHE A 227 -3.35 7.82 16.35
CA PHE A 227 -2.16 7.44 15.59
C PHE A 227 -1.42 8.68 15.06
N GLN A 228 -2.15 9.55 14.37
CA GLN A 228 -1.56 10.74 13.74
C GLN A 228 -0.85 11.60 14.78
N HIS A 229 -1.46 11.73 15.96
CA HIS A 229 -0.81 12.42 17.06
C HIS A 229 0.54 11.79 17.45
N LEU A 230 0.57 10.46 17.48
CA LEU A 230 1.78 9.70 17.86
C LEU A 230 2.83 9.65 16.73
N HIS A 231 2.37 9.62 15.48
CA HIS A 231 3.29 9.47 14.31
C HIS A 231 2.94 10.43 13.15
N PRO A 232 2.99 11.75 13.40
CA PRO A 232 2.48 12.72 12.39
C PRO A 232 3.21 12.72 11.05
N ILE A 233 4.48 12.39 11.08
CA ILE A 233 5.27 12.39 9.83
C ILE A 233 4.94 11.20 8.94
N VAL A 234 4.61 10.07 9.55
CA VAL A 234 4.23 8.87 8.80
C VAL A 234 2.98 9.17 7.98
N VAL A 235 1.99 9.83 8.58
CA VAL A 235 0.76 10.15 7.87
C VAL A 235 1.06 11.08 6.69
N GLN A 236 1.85 12.12 6.96
CA GLN A 236 2.30 13.05 5.94
C GLN A 236 3.05 12.40 4.76
N ALA A 237 3.95 11.48 5.10
CA ALA A 237 4.89 10.93 4.12
C ALA A 237 4.30 9.80 3.30
N ALA A 238 3.43 9.01 3.91
CA ALA A 238 3.07 7.66 3.40
C ALA A 238 1.59 7.45 3.08
N PHE A 239 0.70 7.99 3.91
CA PHE A 239 -0.75 7.74 3.77
C PHE A 239 -1.28 8.32 2.46
N PRO A 240 -2.19 7.59 1.76
CA PRO A 240 -2.76 8.16 0.53
C PRO A 240 -3.50 9.47 0.80
N PRO A 241 -3.30 10.53 -0.02
CA PRO A 241 -4.06 11.76 0.18
C PRO A 241 -5.59 11.60 0.27
N LEU A 242 -6.14 10.66 -0.48
CA LEU A 242 -7.58 10.46 -0.47
C LEU A 242 -8.04 10.03 0.92
N TYR A 243 -7.26 9.16 1.53
CA TYR A 243 -7.52 8.65 2.87
C TYR A 243 -7.50 9.82 3.89
N LYS A 244 -6.49 10.68 3.80
CA LYS A 244 -6.44 11.85 4.70
C LYS A 244 -7.66 12.77 4.51
N GLU A 245 -8.01 13.05 3.26
CA GLU A 245 -9.18 13.88 2.93
C GLU A 245 -10.47 13.29 3.50
N LEU A 246 -10.64 11.99 3.28
CA LEU A 246 -11.80 11.30 3.83
C LEU A 246 -11.89 11.31 5.37
N PHE A 247 -10.76 11.16 6.05
CA PHE A 247 -10.73 10.76 7.47
C PHE A 247 -9.93 11.64 8.42
N SER A 248 -9.33 12.70 7.90
CA SER A 248 -8.52 13.59 8.74
C SER A 248 -8.82 15.05 8.42
N GLU B 1 -13.59 18.82 5.38
CA GLU B 1 -12.53 19.83 5.69
C GLU B 1 -11.52 20.02 4.55
N LYS B 2 -11.11 18.93 3.90
CA LYS B 2 -10.46 19.03 2.59
C LYS B 2 -11.09 18.01 1.65
N HIS B 3 -11.56 18.46 0.49
CA HIS B 3 -12.16 17.52 -0.45
C HIS B 3 -11.76 17.78 -1.91
N LYS B 4 -10.60 18.41 -2.11
CA LYS B 4 -10.11 18.72 -3.45
C LYS B 4 -9.89 17.46 -4.29
N ILE B 5 -9.25 16.45 -3.68
CA ILE B 5 -9.01 15.16 -4.32
C ILE B 5 -10.33 14.46 -4.68
N LEU B 6 -11.25 14.38 -3.71
CA LEU B 6 -12.50 13.66 -3.92
C LEU B 6 -13.25 14.29 -5.09
N HIS B 7 -13.26 15.63 -5.10
CA HIS B 7 -13.83 16.41 -6.19
C HIS B 7 -13.20 16.00 -7.54
N ARG B 8 -11.86 15.98 -7.58
CA ARG B 8 -11.15 15.56 -8.79
C ARG B 8 -11.48 14.12 -9.20
N LEU B 9 -11.54 13.21 -8.24
CA LEU B 9 -11.88 11.81 -8.56
C LEU B 9 -13.25 11.70 -9.23
N LEU B 10 -14.21 12.43 -8.67
CA LEU B 10 -15.58 12.43 -9.16
C LEU B 10 -15.67 12.98 -10.57
N GLN B 11 -14.88 13.98 -10.88
CA GLN B 11 -14.85 14.53 -12.25
C GLN B 11 -13.77 13.92 -13.16
N ASP B 12 -13.22 12.76 -12.76
CA ASP B 12 -12.17 12.04 -13.50
C ASP B 12 -12.78 11.15 -14.58
N SER B 13 -12.35 11.39 -15.83
CA SER B 13 -12.94 10.76 -17.01
C SER B 13 -12.00 9.76 -17.71
N PRO C 1 32.44 9.14 10.68
CA PRO C 1 33.40 8.53 9.84
C PRO C 1 33.73 9.44 8.77
N GLU C 2 33.63 10.74 9.10
CA GLU C 2 34.07 11.86 8.29
C GLU C 2 35.42 12.41 8.81
N ALA C 3 36.03 11.68 9.76
CA ALA C 3 37.32 12.08 10.35
C ALA C 3 38.47 11.81 9.36
N PRO C 4 39.42 12.76 9.28
CA PRO C 4 40.59 12.58 8.42
C PRO C 4 41.49 11.54 9.08
N TYR C 5 42.32 10.90 8.28
CA TYR C 5 43.32 9.98 8.83
C TYR C 5 42.79 8.93 9.80
N ALA C 6 41.73 8.24 9.39
CA ALA C 6 41.16 7.20 10.24
C ALA C 6 42.19 6.11 10.52
N SER C 7 42.28 5.72 11.79
CA SER C 7 43.18 4.65 12.19
C SER C 7 42.60 3.28 11.76
N LEU C 8 43.45 2.24 11.77
CA LEU C 8 42.97 0.88 11.50
C LEU C 8 41.88 0.48 12.50
N THR C 9 42.04 0.88 13.79
CA THR C 9 41.00 0.61 14.77
C THR C 9 39.66 1.28 14.39
N GLU C 10 39.71 2.56 14.03
CA GLU C 10 38.50 3.28 13.60
C GLU C 10 37.85 2.61 12.37
N ILE C 11 38.68 2.18 11.41
CA ILE C 11 38.13 1.50 10.22
C ILE C 11 37.48 0.17 10.59
N GLU C 12 38.14 -0.60 11.45
CA GLU C 12 37.56 -1.87 11.93
C GLU C 12 36.22 -1.60 12.65
N HIS C 13 36.19 -0.58 13.50
CA HIS C 13 34.93 -0.26 14.19
C HIS C 13 33.84 0.21 13.20
N LEU C 14 34.23 0.96 12.16
CA LEU C 14 33.29 1.38 11.12
C LEU C 14 32.63 0.20 10.38
N VAL C 15 33.42 -0.85 10.09
CA VAL C 15 32.86 -2.06 9.47
C VAL C 15 31.75 -2.63 10.37
N GLN C 16 32.05 -2.78 11.65
CA GLN C 16 31.09 -3.26 12.65
C GLN C 16 29.85 -2.37 12.73
N SER C 17 30.07 -1.06 12.77
CA SER C 17 28.99 -0.07 12.86
C SER C 17 28.05 -0.18 11.67
N VAL C 18 28.64 -0.19 10.46
CA VAL C 18 27.84 -0.25 9.22
C VAL C 18 27.03 -1.56 9.14
N CYS C 19 27.69 -2.67 9.50
CA CYS C 19 27.02 -3.96 9.50
C CYS C 19 25.83 -3.96 10.45
N LYS C 20 25.99 -3.34 11.62
CA LYS C 20 24.91 -3.27 12.59
C LYS C 20 23.75 -2.39 12.09
N SER C 21 24.07 -1.22 11.54
CA SER C 21 23.08 -0.31 10.98
C SER C 21 22.24 -1.01 9.93
N TYR C 22 22.91 -1.79 9.07
CA TYR C 22 22.21 -2.57 8.07
C TYR C 22 21.30 -3.65 8.75
N ARG C 23 21.86 -4.40 9.69
CA ARG C 23 21.13 -5.48 10.40
C ARG C 23 19.81 -4.98 10.97
N GLU C 24 19.87 -3.80 11.57
CA GLU C 24 18.76 -3.13 12.24
C GLU C 24 17.70 -2.58 11.30
N THR C 25 18.01 -2.48 10.00
CA THR C 25 17.11 -1.81 9.03
C THR C 25 16.92 -2.63 7.72
N CYS C 26 17.27 -3.91 7.77
CA CYS C 26 17.30 -4.74 6.57
C CYS C 26 15.90 -5.12 6.07
N GLN C 27 14.86 -4.87 6.88
CA GLN C 27 13.44 -5.04 6.48
C GLN C 27 12.95 -6.49 6.45
N LEU C 28 13.59 -7.31 5.62
CA LEU C 28 13.33 -8.73 5.53
C LEU C 28 14.57 -9.49 5.96
N ARG C 29 14.38 -10.53 6.78
CA ARG C 29 15.49 -11.36 7.23
C ARG C 29 15.89 -12.34 6.17
N LEU C 30 17.19 -12.46 5.92
CA LEU C 30 17.68 -13.39 4.89
C LEU C 30 17.16 -14.82 5.13
N GLU C 31 17.17 -15.24 6.40
CA GLU C 31 16.71 -16.56 6.81
C GLU C 31 15.26 -16.85 6.39
N ASP C 32 14.38 -15.90 6.68
CA ASP C 32 12.98 -15.92 6.23
C ASP C 32 12.86 -15.98 4.68
N LEU C 33 13.63 -15.15 3.97
CA LEU C 33 13.56 -15.13 2.51
C LEU C 33 14.00 -16.46 1.88
N LEU C 34 15.06 -17.06 2.43
CA LEU C 34 15.56 -18.36 1.97
C LEU C 34 14.51 -19.43 2.20
N ARG C 35 13.90 -19.40 3.38
CA ARG C 35 12.93 -20.42 3.78
C ARG C 35 11.68 -20.42 2.92
N GLN C 36 11.38 -19.26 2.34
CA GLN C 36 10.15 -19.11 1.57
C GLN C 36 10.32 -19.30 0.07
N ARG C 37 11.50 -19.77 -0.35
CA ARG C 37 11.76 -19.94 -1.78
C ARG C 37 10.76 -20.88 -2.46
N SER C 38 10.31 -21.91 -1.74
CA SER C 38 9.41 -22.88 -2.30
C SER C 38 7.94 -22.43 -2.28
N ASN C 39 7.72 -21.24 -1.74
CA ASN C 39 6.40 -20.59 -1.70
C ASN C 39 6.24 -19.64 -2.90
N ILE C 40 5.59 -20.16 -3.94
CA ILE C 40 5.59 -19.55 -5.29
C ILE C 40 4.16 -19.37 -5.81
N PHE C 41 3.85 -18.18 -6.33
CA PHE C 41 2.52 -17.97 -6.93
C PHE C 41 2.11 -19.04 -7.97
N SER C 42 0.89 -19.54 -7.80
CA SER C 42 0.28 -20.45 -8.74
C SER C 42 -0.09 -19.70 -10.01
N ARG C 43 -0.34 -20.45 -11.08
CA ARG C 43 -0.78 -19.89 -12.35
C ARG C 43 -2.00 -18.97 -12.19
N GLU C 44 -3.01 -19.40 -11.43
CA GLU C 44 -4.24 -18.60 -11.27
C GLU C 44 -3.92 -17.28 -10.56
N GLU C 45 -3.00 -17.34 -9.59
CA GLU C 45 -2.60 -16.16 -8.82
C GLU C 45 -1.90 -15.16 -9.70
N VAL C 46 -0.99 -15.67 -10.52
CA VAL C 46 -0.31 -14.86 -11.52
C VAL C 46 -1.29 -14.19 -12.49
N THR C 47 -2.20 -14.97 -13.06
CA THR C 47 -3.26 -14.43 -13.91
C THR C 47 -4.02 -13.28 -13.23
N GLY C 48 -4.32 -13.45 -11.95
CA GLY C 48 -4.99 -12.45 -11.15
C GLY C 48 -4.26 -11.12 -11.16
N TYR C 49 -2.94 -11.15 -10.96
CA TYR C 49 -2.11 -9.94 -11.04
C TYR C 49 -2.09 -9.36 -12.45
N GLN C 50 -2.01 -10.23 -13.45
CA GLN C 50 -1.86 -9.75 -14.85
C GLN C 50 -3.18 -9.09 -15.34
N ARG C 51 -4.29 -9.51 -14.74
CA ARG C 51 -5.61 -8.94 -15.04
C ARG C 51 -5.93 -7.67 -14.27
N LYS C 52 -5.09 -7.35 -13.28
CA LYS C 52 -5.28 -6.08 -12.58
C LYS C 52 -5.21 -4.87 -13.51
N SER C 53 -5.97 -3.83 -13.18
CA SER C 53 -5.82 -2.57 -13.91
C SER C 53 -4.42 -2.00 -13.76
N MET C 54 -3.98 -1.25 -14.76
CA MET C 54 -2.71 -0.54 -14.68
C MET C 54 -2.63 0.32 -13.39
N TRP C 55 -3.69 1.09 -13.11
CA TRP C 55 -3.67 2.00 -11.96
C TRP C 55 -3.51 1.23 -10.66
N GLU C 56 -4.22 0.10 -10.51
CA GLU C 56 -4.16 -0.61 -9.21
C GLU C 56 -2.78 -1.24 -9.03
N MET C 57 -2.23 -1.82 -10.09
CA MET C 57 -0.91 -2.45 -9.99
C MET C 57 0.17 -1.37 -9.74
N TRP C 58 0.07 -0.22 -10.40
CA TRP C 58 0.99 0.92 -10.14
C TRP C 58 0.94 1.37 -8.69
N GLU C 59 -0.28 1.54 -8.18
CA GLU C 59 -0.41 2.05 -6.83
C GLU C 59 0.07 1.04 -5.79
N ARG C 60 -0.17 -0.24 -6.06
CA ARG C 60 0.35 -1.30 -5.17
C ARG C 60 1.86 -1.27 -5.14
N CYS C 61 2.48 -1.22 -6.32
CA CYS C 61 3.92 -1.27 -6.39
C CYS C 61 4.53 -0.03 -5.74
N ALA C 62 3.88 1.13 -5.93
CA ALA C 62 4.39 2.40 -5.35
C ALA C 62 4.32 2.29 -3.83
N HIS C 63 3.25 1.70 -3.30
CA HIS C 63 3.15 1.50 -1.83
C HIS C 63 4.32 0.65 -1.31
N HIS C 64 4.52 -0.52 -1.95
CA HIS C 64 5.59 -1.45 -1.51
C HIS C 64 6.99 -0.82 -1.63
N LEU C 65 7.23 -0.13 -2.74
CA LEU C 65 8.51 0.58 -2.91
C LEU C 65 8.73 1.65 -1.84
N THR C 66 7.66 2.39 -1.54
CA THR C 66 7.71 3.42 -0.49
C THR C 66 8.08 2.83 0.89
N GLU C 67 7.43 1.74 1.27
CA GLU C 67 7.79 0.96 2.48
C GLU C 67 9.28 0.60 2.52
N ALA C 68 9.82 0.03 1.44
CA ALA C 68 11.26 -0.27 1.32
C ALA C 68 12.12 0.97 1.46
N ILE C 69 11.73 2.04 0.77
CA ILE C 69 12.48 3.29 0.86
C ILE C 69 12.48 3.84 2.30
N GLN C 70 11.38 3.66 3.02
CA GLN C 70 11.37 4.07 4.44
C GLN C 70 12.45 3.37 5.29
N TYR C 71 12.71 2.08 5.02
CA TYR C 71 13.78 1.38 5.72
C TYR C 71 15.15 1.92 5.33
N VAL C 72 15.29 2.32 4.06
CA VAL C 72 16.54 2.90 3.60
C VAL C 72 16.80 4.28 4.28
N VAL C 73 15.74 5.06 4.49
CA VAL C 73 15.90 6.32 5.22
C VAL C 73 16.39 5.99 6.65
N GLU C 74 15.76 5.03 7.30
CA GLU C 74 16.22 4.57 8.63
C GLU C 74 17.70 4.08 8.65
N PHE C 75 18.07 3.23 7.68
CA PHE C 75 19.48 2.84 7.44
C PHE C 75 20.36 4.10 7.41
N ALA C 76 20.04 5.07 6.55
CA ALA C 76 20.80 6.35 6.46
C ALA C 76 20.93 7.05 7.83
N LYS C 77 19.82 7.23 8.54
CA LYS C 77 19.81 7.91 9.85
C LYS C 77 20.66 7.15 10.89
N ARG C 78 20.78 5.85 10.72
CA ARG C 78 21.59 5.04 11.64
C ARG C 78 23.03 4.85 11.19
N LEU C 79 23.34 5.38 10.00
CA LEU C 79 24.61 5.17 9.33
C LEU C 79 25.65 6.14 9.88
N SER C 80 26.79 5.59 10.27
CA SER C 80 27.83 6.39 10.93
C SER C 80 28.09 7.64 10.10
N GLY C 81 27.98 8.80 10.72
CA GLY C 81 28.32 10.06 10.05
C GLY C 81 27.27 10.77 9.20
N PHE C 82 26.19 10.06 8.86
CA PHE C 82 25.17 10.64 7.98
C PHE C 82 24.38 11.76 8.66
N MET C 83 23.94 11.53 9.89
CA MET C 83 23.18 12.58 10.63
C MET C 83 24.05 13.78 11.06
N GLU C 84 25.37 13.66 10.86
CA GLU C 84 26.29 14.79 11.04
C GLU C 84 26.29 15.74 9.86
N LEU C 85 25.84 15.25 8.70
CA LEU C 85 25.85 16.06 7.46
C LEU C 85 24.71 17.06 7.58
N CYS C 86 24.74 18.11 6.78
CA CYS C 86 23.72 19.15 6.89
C CYS C 86 22.44 18.65 6.23
N GLN C 87 21.31 19.24 6.58
CA GLN C 87 20.02 18.79 6.05
C GLN C 87 19.98 18.69 4.53
N ASN C 88 20.51 19.70 3.85
CA ASN C 88 20.55 19.72 2.39
C ASN C 88 21.26 18.48 1.82
N ASP C 89 22.42 18.17 2.40
CA ASP C 89 23.19 17.03 1.92
C ASP C 89 22.52 15.69 2.20
N GLN C 90 21.91 15.55 3.38
CA GLN C 90 21.13 14.35 3.70
C GLN C 90 20.03 14.14 2.65
N ILE C 91 19.29 15.20 2.36
CA ILE C 91 18.24 15.15 1.33
C ILE C 91 18.78 14.79 -0.08
N VAL C 92 19.85 15.46 -0.52
CA VAL C 92 20.46 15.22 -1.82
C VAL C 92 20.89 13.72 -1.96
N LEU C 93 21.54 13.19 -0.93
CA LEU C 93 22.03 11.80 -0.97
C LEU C 93 20.84 10.81 -0.99
N LEU C 94 19.84 11.05 -0.14
CA LEU C 94 18.65 10.19 -0.14
C LEU C 94 17.78 10.28 -1.40
N LYS C 95 17.60 11.49 -1.92
CA LYS C 95 16.81 11.64 -3.15
C LYS C 95 17.43 10.92 -4.34
N ALA C 96 18.76 10.97 -4.45
CA ALA C 96 19.47 10.28 -5.53
C ALA C 96 19.67 8.79 -5.25
N GLY C 97 19.83 8.42 -3.98
CA GLY C 97 20.36 7.11 -3.58
C GLY C 97 19.34 6.12 -3.07
N ALA C 98 18.21 6.59 -2.53
CA ALA C 98 17.26 5.66 -1.88
C ALA C 98 16.75 4.55 -2.84
N MET C 99 16.31 4.91 -4.03
CA MET C 99 15.89 3.90 -5.03
C MET C 99 17.04 2.97 -5.48
N GLU C 100 18.25 3.51 -5.64
CA GLU C 100 19.44 2.68 -5.98
C GLU C 100 19.66 1.63 -4.88
N VAL C 101 19.53 2.04 -3.62
CA VAL C 101 19.70 1.10 -2.50
C VAL C 101 18.63 0.01 -2.51
N VAL C 102 17.37 0.37 -2.73
CA VAL C 102 16.29 -0.62 -2.82
C VAL C 102 16.63 -1.65 -3.92
N LEU C 103 17.06 -1.16 -5.09
CA LEU C 103 17.40 -2.04 -6.21
C LEU C 103 18.51 -3.03 -5.83
N VAL C 104 19.55 -2.57 -5.14
CA VAL C 104 20.58 -3.48 -4.64
C VAL C 104 20.02 -4.50 -3.60
N ARG C 105 19.27 -3.98 -2.63
CA ARG C 105 18.59 -4.79 -1.60
C ARG C 105 17.72 -5.90 -2.19
N MET C 106 17.17 -5.62 -3.37
CA MET C 106 16.36 -6.62 -4.10
C MET C 106 17.02 -7.98 -4.29
N CYS C 107 18.35 -8.01 -4.46
CA CYS C 107 18.99 -9.32 -4.74
C CYS C 107 18.79 -10.34 -3.59
N ARG C 108 18.58 -9.83 -2.38
CA ARG C 108 18.31 -10.71 -1.23
C ARG C 108 16.98 -11.38 -1.37
N ALA C 109 16.04 -10.72 -2.04
CA ALA C 109 14.65 -11.16 -2.14
C ALA C 109 14.42 -11.82 -3.49
N TYR C 110 15.52 -12.15 -4.15
CA TYR C 110 15.55 -12.69 -5.51
C TYR C 110 16.05 -14.14 -5.49
N ASN C 111 15.37 -15.01 -6.24
CA ASN C 111 15.77 -16.43 -6.34
C ASN C 111 16.18 -16.74 -7.77
N ALA C 112 17.49 -16.90 -7.98
CA ALA C 112 18.03 -17.07 -9.34
C ALA C 112 17.64 -18.36 -10.08
N ASP C 113 17.25 -19.40 -9.36
CA ASP C 113 16.89 -20.73 -9.92
C ASP C 113 15.72 -20.58 -10.89
N ASN C 114 14.69 -19.87 -10.42
CA ASN C 114 13.45 -19.70 -11.15
C ASN C 114 13.17 -18.24 -11.47
N ARG C 115 14.15 -17.36 -11.18
CA ARG C 115 14.11 -15.93 -11.54
C ARG C 115 12.88 -15.24 -10.94
N THR C 116 12.64 -15.50 -9.66
CA THR C 116 11.51 -14.88 -8.97
C THR C 116 11.95 -13.84 -7.94
N VAL C 117 11.03 -12.94 -7.61
CA VAL C 117 11.20 -12.04 -6.50
C VAL C 117 10.10 -12.24 -5.45
N PHE C 118 10.45 -11.99 -4.19
CA PHE C 118 9.49 -11.98 -3.07
C PHE C 118 8.58 -10.75 -3.09
N PHE C 119 7.29 -10.98 -3.30
CA PHE C 119 6.32 -9.89 -3.49
C PHE C 119 4.96 -10.26 -2.94
N GLU C 120 4.44 -9.46 -2.01
CA GLU C 120 3.13 -9.73 -1.38
C GLU C 120 3.01 -11.17 -0.85
N GLY C 121 4.08 -11.64 -0.23
CA GLY C 121 4.06 -12.91 0.50
C GLY C 121 4.51 -14.18 -0.19
N LYS C 122 4.67 -14.16 -1.51
CA LYS C 122 5.18 -15.29 -2.26
C LYS C 122 6.21 -14.83 -3.32
N TYR C 123 6.91 -15.79 -3.88
CA TYR C 123 7.82 -15.54 -4.99
C TYR C 123 7.03 -15.57 -6.30
N GLY C 124 7.23 -14.55 -7.15
CA GLY C 124 6.72 -14.61 -8.54
C GLY C 124 7.73 -14.03 -9.53
N GLY C 125 7.57 -14.39 -10.79
CA GLY C 125 8.45 -13.94 -11.85
C GLY C 125 8.11 -12.55 -12.33
N MET C 126 8.84 -12.07 -13.32
CA MET C 126 8.58 -10.75 -13.87
C MET C 126 7.23 -10.65 -14.55
N GLU C 127 6.70 -11.81 -14.99
CA GLU C 127 5.36 -11.89 -15.57
C GLU C 127 4.30 -11.34 -14.61
N LEU C 128 4.59 -11.34 -13.30
CA LEU C 128 3.64 -10.83 -12.30
C LEU C 128 3.29 -9.34 -12.56
N PHE C 129 4.24 -8.60 -13.15
CA PHE C 129 4.17 -7.14 -13.30
C PHE C 129 3.65 -6.66 -14.64
N ARG C 130 3.02 -7.57 -15.38
CA ARG C 130 2.60 -7.27 -16.75
C ARG C 130 1.66 -6.07 -16.83
N ALA C 131 0.78 -5.92 -15.87
CA ALA C 131 -0.21 -4.81 -15.95
C ALA C 131 0.43 -3.42 -15.82
N LEU C 132 1.65 -3.35 -15.28
CA LEU C 132 2.35 -2.06 -15.22
C LEU C 132 2.55 -1.44 -16.62
N GLY C 133 2.69 -2.29 -17.63
CA GLY C 133 2.94 -1.76 -18.98
C GLY C 133 4.32 -1.12 -19.13
N CYS C 134 5.30 -1.66 -18.41
CA CYS C 134 6.71 -1.26 -18.60
C CYS C 134 7.65 -2.47 -18.64
N SER C 135 7.39 -3.32 -19.63
CA SER C 135 8.03 -4.62 -19.75
C SER C 135 9.57 -4.58 -19.80
N GLU C 136 10.10 -3.62 -20.55
CA GLU C 136 11.56 -3.49 -20.71
C GLU C 136 12.19 -3.13 -19.37
N LEU C 137 11.62 -2.16 -18.66
CA LEU C 137 12.14 -1.78 -17.33
C LEU C 137 12.11 -2.94 -16.34
N ILE C 138 10.97 -3.62 -16.26
CA ILE C 138 10.89 -4.76 -15.34
C ILE C 138 11.95 -5.83 -15.65
N SER C 139 12.05 -6.22 -16.92
CA SER C 139 13.09 -7.17 -17.34
C SER C 139 14.51 -6.71 -17.02
N SER C 140 14.76 -5.41 -17.21
CA SER C 140 16.06 -4.84 -16.85
C SER C 140 16.32 -4.89 -15.34
N ILE C 141 15.29 -4.66 -14.53
CA ILE C 141 15.44 -4.75 -13.05
C ILE C 141 15.76 -6.19 -12.65
N PHE C 142 15.04 -7.13 -13.26
CA PHE C 142 15.28 -8.53 -12.94
C PHE C 142 16.66 -8.95 -13.40
N ASP C 143 17.09 -8.45 -14.55
CA ASP C 143 18.44 -8.75 -15.05
C ASP C 143 19.50 -8.24 -14.07
N PHE C 144 19.26 -7.03 -13.56
CA PHE C 144 20.17 -6.40 -12.64
C PHE C 144 20.30 -7.27 -11.37
N SER C 145 19.16 -7.65 -10.78
CA SER C 145 19.11 -8.59 -9.64
C SER C 145 19.83 -9.92 -9.91
N HIS C 146 19.59 -10.48 -11.09
CA HIS C 146 20.24 -11.72 -11.47
C HIS C 146 21.77 -11.53 -11.47
N SER C 147 22.23 -10.44 -12.06
CA SER C 147 23.67 -10.13 -12.05
C SER C 147 24.28 -9.93 -10.65
N LEU C 148 23.55 -9.29 -9.74
CA LEU C 148 23.96 -9.22 -8.33
C LEU C 148 23.94 -10.54 -7.61
N SER C 149 22.88 -11.33 -7.81
CA SER C 149 22.80 -12.67 -7.22
C SER C 149 24.08 -13.47 -7.51
N ALA C 150 24.69 -13.21 -8.66
CA ALA C 150 25.85 -13.99 -9.08
C ALA C 150 27.07 -13.62 -8.23
N LEU C 151 27.04 -12.45 -7.61
CA LEU C 151 28.14 -12.00 -6.75
C LEU C 151 28.05 -12.68 -5.41
N HIS C 152 26.86 -13.20 -5.10
CA HIS C 152 26.56 -13.82 -3.82
C HIS C 152 27.08 -13.06 -2.58
N PHE C 153 26.58 -11.84 -2.44
CA PHE C 153 26.93 -10.98 -1.31
C PHE C 153 26.57 -11.64 0.02
N SER C 154 27.44 -11.52 1.02
CA SER C 154 27.05 -11.78 2.39
C SER C 154 26.28 -10.57 2.91
N GLU C 155 25.63 -10.72 4.07
CA GLU C 155 24.98 -9.59 4.74
C GLU C 155 25.93 -8.44 5.01
N ASP C 156 27.14 -8.75 5.43
CA ASP C 156 28.12 -7.71 5.72
C ASP C 156 28.50 -6.92 4.47
N GLU C 157 28.67 -7.65 3.37
CA GLU C 157 29.04 -7.08 2.10
C GLU C 157 27.93 -6.19 1.58
N ILE C 158 26.67 -6.61 1.70
CA ILE C 158 25.65 -5.76 1.18
C ILE C 158 25.50 -4.50 2.08
N ALA C 159 25.78 -4.65 3.36
CA ALA C 159 25.71 -3.49 4.27
C ALA C 159 26.74 -2.44 3.82
N LEU C 160 28.00 -2.86 3.66
CA LEU C 160 29.07 -1.96 3.25
C LEU C 160 28.85 -1.39 1.85
N TYR C 161 28.44 -2.25 0.91
CA TYR C 161 28.17 -1.81 -0.49
C TYR C 161 27.01 -0.79 -0.56
N THR C 162 25.91 -1.07 0.14
CA THR C 162 24.77 -0.13 0.09
C THR C 162 25.09 1.21 0.78
N ALA C 163 25.93 1.16 1.81
CA ALA C 163 26.40 2.39 2.44
C ALA C 163 27.08 3.26 1.40
N LEU C 164 27.87 2.60 0.53
CA LEU C 164 28.59 3.31 -0.52
C LEU C 164 27.70 3.79 -1.65
N VAL C 165 26.68 3.03 -2.00
CA VAL C 165 25.69 3.50 -2.98
C VAL C 165 25.07 4.83 -2.48
N LEU C 166 24.81 4.91 -1.17
CA LEU C 166 24.20 6.12 -0.60
C LEU C 166 25.21 7.27 -0.46
N ILE C 167 26.36 7.00 0.17
CA ILE C 167 27.33 8.05 0.46
C ILE C 167 28.20 8.20 -0.78
N ASN C 168 27.72 9.04 -1.68
CA ASN C 168 28.34 9.22 -2.99
C ASN C 168 28.62 10.74 -3.09
N ALA C 169 29.89 11.11 -2.99
CA ALA C 169 30.27 12.54 -2.98
C ALA C 169 30.13 13.24 -4.33
N HIS C 170 29.80 12.48 -5.38
CA HIS C 170 29.61 13.01 -6.72
C HIS C 170 28.18 13.39 -7.07
N ARG C 171 27.27 13.29 -6.09
CA ARG C 171 25.90 13.73 -6.33
C ARG C 171 25.84 15.26 -6.43
N PRO C 172 25.24 15.78 -7.51
CA PRO C 172 25.00 17.23 -7.70
C PRO C 172 24.24 17.89 -6.54
N GLY C 173 24.66 19.09 -6.16
CA GLY C 173 23.94 19.92 -5.18
C GLY C 173 24.39 19.77 -3.74
N LEU C 174 25.46 19.01 -3.51
CA LEU C 174 25.98 18.86 -2.15
C LEU C 174 26.68 20.15 -1.69
N GLN C 175 26.54 20.48 -0.41
CA GLN C 175 27.08 21.75 0.13
C GLN C 175 28.27 21.59 1.08
N GLU C 176 28.53 20.36 1.52
CA GLU C 176 29.71 20.05 2.30
C GLU C 176 30.38 18.85 1.63
N LYS C 177 30.75 19.06 0.37
CA LYS C 177 31.26 17.98 -0.47
C LYS C 177 32.50 17.35 0.12
N ARG C 178 33.38 18.16 0.70
CA ARG C 178 34.62 17.64 1.32
C ARG C 178 34.25 16.72 2.47
N LYS C 179 33.23 17.11 3.22
CA LYS C 179 32.74 16.28 4.32
C LYS C 179 32.23 14.95 3.80
N VAL C 180 31.48 15.00 2.70
CA VAL C 180 30.89 13.76 2.13
C VAL C 180 31.99 12.91 1.50
N GLU C 181 32.95 13.55 0.83
CA GLU C 181 34.13 12.85 0.31
C GLU C 181 34.85 12.04 1.38
N GLN C 182 35.05 12.63 2.56
CA GLN C 182 35.77 11.94 3.64
C GLN C 182 34.96 10.77 4.19
N LEU C 183 33.65 10.96 4.33
CA LEU C 183 32.78 9.87 4.75
C LEU C 183 32.87 8.70 3.75
N GLN C 184 32.74 9.01 2.47
CA GLN C 184 32.84 8.00 1.41
C GLN C 184 34.17 7.30 1.50
N TYR C 185 35.26 8.06 1.64
CA TYR C 185 36.57 7.43 1.67
C TYR C 185 36.72 6.46 2.84
N ASN C 186 36.28 6.87 4.02
CA ASN C 186 36.36 5.99 5.17
C ASN C 186 35.49 4.73 4.97
N LEU C 187 34.33 4.91 4.35
CA LEU C 187 33.48 3.76 4.01
C LEU C 187 34.15 2.85 2.98
N GLU C 188 34.91 3.42 2.03
CA GLU C 188 35.70 2.61 1.06
C GLU C 188 36.77 1.80 1.77
N LEU C 189 37.45 2.49 2.70
CA LEU C 189 38.44 1.79 3.54
C LEU C 189 37.87 0.59 4.27
N ALA C 190 36.70 0.79 4.92
CA ALA C 190 35.98 -0.22 5.63
C ALA C 190 35.63 -1.38 4.70
N PHE C 191 35.00 -1.04 3.56
CA PHE C 191 34.59 -2.06 2.55
C PHE C 191 35.82 -2.84 2.09
N HIS C 192 36.88 -2.14 1.75
CA HIS C 192 38.06 -2.80 1.21
C HIS C 192 38.79 -3.65 2.25
N HIS C 193 38.85 -3.18 3.49
CA HIS C 193 39.46 -3.91 4.61
C HIS C 193 38.68 -5.23 4.74
N HIS C 194 37.37 -5.11 4.82
CA HIS C 194 36.55 -6.31 5.00
C HIS C 194 36.72 -7.32 3.87
N LEU C 195 36.71 -6.84 2.64
CA LEU C 195 36.90 -7.71 1.49
C LEU C 195 38.28 -8.35 1.46
N CYS C 196 39.31 -7.57 1.77
CA CYS C 196 40.71 -8.09 1.79
C CYS C 196 40.85 -9.22 2.80
N LYS C 197 40.30 -9.00 3.99
CA LYS C 197 40.40 -9.95 5.10
C LYS C 197 39.71 -11.29 4.73
N THR C 198 38.60 -11.20 3.99
CA THR C 198 37.75 -12.36 3.67
C THR C 198 38.04 -12.92 2.27
N HIS C 199 39.15 -12.46 1.67
CA HIS C 199 39.59 -12.87 0.33
C HIS C 199 38.49 -12.69 -0.73
N ARG C 200 37.82 -11.54 -0.66
CA ARG C 200 36.76 -11.22 -1.59
C ARG C 200 37.06 -9.93 -2.39
N GLN C 201 38.32 -9.48 -2.42
CA GLN C 201 38.64 -8.31 -3.23
C GLN C 201 38.33 -8.50 -4.72
N SER C 202 38.37 -9.74 -5.21
CA SER C 202 38.07 -10.03 -6.62
C SER C 202 36.65 -9.57 -7.06
N ILE C 203 35.73 -9.40 -6.09
CA ILE C 203 34.37 -9.02 -6.46
C ILE C 203 34.30 -7.56 -6.94
N LEU C 204 35.28 -6.73 -6.56
CA LEU C 204 35.23 -5.28 -6.87
C LEU C 204 35.11 -5.03 -8.38
N ALA C 205 35.87 -5.79 -9.15
CA ALA C 205 35.87 -5.72 -10.61
C ALA C 205 34.54 -6.14 -11.21
N LYS C 206 33.68 -6.73 -10.38
CA LYS C 206 32.41 -7.32 -10.86
C LYS C 206 31.20 -6.53 -10.44
N LEU C 207 31.42 -5.43 -9.70
CA LEU C 207 30.30 -4.64 -9.22
C LEU C 207 29.66 -3.90 -10.41
N PRO C 208 28.35 -3.60 -10.30
CA PRO C 208 27.60 -2.94 -11.36
C PRO C 208 28.38 -1.75 -11.94
N PRO C 209 28.44 -1.64 -13.28
CA PRO C 209 29.07 -0.46 -13.83
C PRO C 209 28.34 0.77 -13.35
N LYS C 210 29.03 1.89 -13.23
CA LYS C 210 28.23 3.06 -12.92
C LYS C 210 27.59 3.57 -14.20
N GLY C 211 26.41 4.12 -14.03
CA GLY C 211 25.49 4.33 -15.12
C GLY C 211 24.37 3.30 -15.03
N LYS C 212 24.70 2.10 -14.55
CA LYS C 212 23.71 1.02 -14.55
C LYS C 212 22.56 1.33 -13.60
N LEU C 213 22.86 1.46 -12.30
CA LEU C 213 21.84 1.89 -11.32
C LEU C 213 21.16 3.21 -11.72
N ARG C 214 21.95 4.18 -12.17
CA ARG C 214 21.41 5.45 -12.66
C ARG C 214 20.35 5.27 -13.75
N SER C 215 20.67 4.50 -14.79
CA SER C 215 19.73 4.21 -15.87
C SER C 215 18.43 3.56 -15.38
N LEU C 216 18.54 2.59 -14.48
CA LEU C 216 17.32 1.96 -13.93
C LEU C 216 16.43 3.00 -13.24
N CYS C 217 17.03 3.88 -12.43
CA CYS C 217 16.26 4.90 -11.73
C CYS C 217 15.70 5.91 -12.70
N SER C 218 16.47 6.24 -13.74
CA SER C 218 16.00 7.19 -14.77
C SER C 218 14.83 6.58 -15.50
N GLN C 219 14.93 5.30 -15.85
CA GLN C 219 13.82 4.67 -16.53
C GLN C 219 12.54 4.64 -15.65
N HIS C 220 12.69 4.36 -14.35
CA HIS C 220 11.57 4.39 -13.39
C HIS C 220 10.87 5.74 -13.46
N VAL C 221 11.64 6.82 -13.32
CA VAL C 221 11.08 8.17 -13.46
C VAL C 221 10.33 8.41 -14.80
N GLU C 222 10.90 7.96 -15.91
CA GLU C 222 10.26 8.10 -17.25
C GLU C 222 8.96 7.31 -17.37
N ARG C 223 8.95 6.06 -16.91
CA ARG C 223 7.74 5.27 -16.94
C ARG C 223 6.66 5.86 -16.00
N LEU C 224 7.09 6.44 -14.88
CA LEU C 224 6.12 7.05 -13.97
C LEU C 224 5.45 8.26 -14.64
N GLN C 225 6.27 9.08 -15.31
CA GLN C 225 5.74 10.20 -16.06
C GLN C 225 4.71 9.73 -17.11
N ILE C 226 4.95 8.60 -17.78
CA ILE C 226 4.01 8.08 -18.76
C ILE C 226 2.70 7.68 -18.05
N PHE C 227 2.85 6.96 -16.94
CA PHE C 227 1.69 6.52 -16.19
C PHE C 227 0.88 7.72 -15.69
N GLN C 228 1.58 8.72 -15.14
CA GLN C 228 0.94 9.89 -14.55
C GLN C 228 0.14 10.66 -15.61
N HIS C 229 0.67 10.75 -16.82
CA HIS C 229 -0.10 11.30 -17.95
C HIS C 229 -1.31 10.43 -18.37
N LEU C 230 -1.22 9.12 -18.20
CA LEU C 230 -2.37 8.25 -18.46
C LEU C 230 -3.44 8.31 -17.37
N HIS C 231 -2.98 8.43 -16.12
CA HIS C 231 -3.82 8.37 -14.92
C HIS C 231 -3.46 9.44 -13.87
N PRO C 232 -3.64 10.74 -14.21
CA PRO C 232 -3.11 11.80 -13.32
C PRO C 232 -3.80 11.87 -11.96
N ILE C 233 -5.11 11.63 -11.93
CA ILE C 233 -5.80 11.70 -10.65
C ILE C 233 -5.34 10.60 -9.66
N VAL C 234 -5.05 9.40 -10.15
CA VAL C 234 -4.59 8.30 -9.25
C VAL C 234 -3.32 8.65 -8.46
N VAL C 235 -2.35 9.28 -9.12
CA VAL C 235 -1.13 9.68 -8.42
C VAL C 235 -1.43 10.70 -7.31
N GLN C 236 -2.16 11.76 -7.62
CA GLN C 236 -2.43 12.73 -6.55
C GLN C 236 -3.36 12.17 -5.50
N ALA C 237 -4.23 11.22 -5.86
CA ALA C 237 -5.20 10.68 -4.89
C ALA C 237 -4.65 9.59 -4.00
N ALA C 238 -3.85 8.69 -4.58
CA ALA C 238 -3.59 7.39 -3.97
C ALA C 238 -2.13 7.11 -3.65
N PHE C 239 -1.20 7.69 -4.40
CA PHE C 239 0.25 7.43 -4.19
C PHE C 239 0.79 8.03 -2.88
N PRO C 240 1.81 7.40 -2.26
CA PRO C 240 2.39 8.02 -1.06
C PRO C 240 3.06 9.32 -1.47
N PRO C 241 2.82 10.38 -0.68
CA PRO C 241 3.47 11.67 -0.89
C PRO C 241 5.00 11.61 -1.06
N LEU C 242 5.66 10.82 -0.23
CA LEU C 242 7.11 10.63 -0.37
C LEU C 242 7.49 10.11 -1.77
N TYR C 243 6.75 9.15 -2.27
CA TYR C 243 7.01 8.58 -3.60
C TYR C 243 6.91 9.67 -4.68
N LYS C 244 5.83 10.45 -4.64
CA LYS C 244 5.67 11.60 -5.53
C LYS C 244 6.87 12.57 -5.43
N GLU C 245 7.27 12.89 -4.21
CA GLU C 245 8.37 13.82 -3.98
C GLU C 245 9.69 13.30 -4.56
N LEU C 246 9.96 12.01 -4.37
CA LEU C 246 11.19 11.44 -4.86
C LEU C 246 11.22 11.23 -6.39
N PHE C 247 10.08 10.97 -7.01
CA PHE C 247 10.09 10.47 -8.40
C PHE C 247 9.29 11.32 -9.41
N SER C 248 8.61 12.37 -8.93
CA SER C 248 7.87 13.32 -9.78
C SER C 248 8.56 14.68 -9.73
N LYS D 4 9.39 20.16 2.70
CA LYS D 4 9.25 18.87 1.98
C LYS D 4 9.19 17.68 2.92
N ILE D 5 8.70 16.56 2.40
CA ILE D 5 8.49 15.35 3.17
C ILE D 5 9.82 14.76 3.67
N LEU D 6 10.80 14.65 2.78
CA LEU D 6 12.10 14.10 3.14
C LEU D 6 12.73 14.83 4.32
N HIS D 7 12.70 16.15 4.26
CA HIS D 7 13.20 16.96 5.35
C HIS D 7 12.56 16.57 6.68
N ARG D 8 11.22 16.48 6.68
CA ARG D 8 10.49 16.08 7.90
C ARG D 8 10.81 14.69 8.44
N LEU D 9 10.95 13.70 7.55
CA LEU D 9 11.34 12.33 7.95
C LEU D 9 12.69 12.30 8.61
N LEU D 10 13.59 13.19 8.18
CA LEU D 10 14.93 13.26 8.71
C LEU D 10 14.99 13.98 10.06
N GLN D 11 13.93 14.72 10.40
CA GLN D 11 13.82 15.47 11.67
C GLN D 11 13.03 14.73 12.73
N ASP D 12 12.18 13.77 12.32
CA ASP D 12 11.31 13.03 13.24
C ASP D 12 12.09 12.07 14.15
N SER D 13 12.03 12.32 15.45
CA SER D 13 12.77 11.54 16.44
C SER D 13 11.87 11.03 17.55
#